data_3QVH
#
_entry.id   3QVH
#
_cell.length_a   87.670
_cell.length_b   87.670
_cell.length_c   78.890
_cell.angle_alpha   90.00
_cell.angle_beta   90.00
_cell.angle_gamma   120.00
#
_symmetry.space_group_name_H-M   'P 32 2 1'
#
loop_
_entity.id
_entity.type
_entity.pdbx_description
1 polymer 'FomA protein'
2 non-polymer "ADENOSINE-5'-DIPHOSPHATE"
3 water water
#
_entity_poly.entity_id   1
_entity_poly.type   'polypeptide(L)'
_entity_poly.pdbx_seq_one_letter_code
;MGSSHHHHHHSSGLVPRGSHMTPDFLAIKVGGSLFSRKDEPGSLDDDAVTRFARNFARLAETYRGRMVLISGGGAFGHGA
IRDHDSTHAFSLAGLTEATFEVKKRWAEKLRGIGVDAFPLQLAAMCTLRNGIPQLRSEVLRDVLDHGALPVLAGDALFDE
HGKLWAFSSDRVPEVLLPMVEGRLRVVTLTDVDGIVTDGAGGDTILPEVDARSPEQAYAALWGSSEWDATGAMHTKLDAL
VTCARRGAECFIMRGDPGSDLEFLTAPFSSWPAHVRSTRITTTASA
;
_entity_poly.pdbx_strand_id   A
#
loop_
_chem_comp.id
_chem_comp.type
_chem_comp.name
_chem_comp.formula
ADP non-polymer ADENOSINE-5'-DIPHOSPHATE 'C10 H15 N5 O10 P2'
#
# COMPACT_ATOMS: atom_id res chain seq x y z
N SER A 12 -5.41 -17.47 -21.09
CA SER A 12 -4.24 -16.77 -20.37
C SER A 12 -3.25 -17.80 -19.75
N GLY A 13 -2.18 -17.35 -19.06
CA GLY A 13 -1.25 -18.29 -18.37
C GLY A 13 -1.96 -18.82 -17.09
N LEU A 14 -2.12 -20.15 -16.87
CA LEU A 14 -2.76 -20.61 -15.60
C LEU A 14 -1.81 -20.37 -14.40
N VAL A 15 -2.23 -19.63 -13.38
CA VAL A 15 -1.39 -19.28 -12.24
C VAL A 15 -1.84 -20.06 -11.00
N PRO A 16 -0.97 -20.92 -10.43
CA PRO A 16 -1.35 -21.62 -9.25
C PRO A 16 -1.54 -20.64 -8.16
N ARG A 17 -2.61 -20.78 -7.41
CA ARG A 17 -2.90 -19.84 -6.31
C ARG A 17 -3.54 -20.58 -5.16
N GLY A 18 -3.38 -20.03 -3.96
CA GLY A 18 -3.96 -20.63 -2.76
C GLY A 18 -3.20 -20.25 -1.49
N SER A 19 -3.82 -20.55 -0.34
CA SER A 19 -3.21 -20.35 0.99
C SER A 19 -1.94 -21.11 1.23
N HIS A 20 -1.68 -22.12 0.38
CA HIS A 20 -0.50 -22.95 0.47
C HIS A 20 0.67 -22.32 -0.31
N MET A 21 0.41 -21.26 -1.12
CA MET A 21 1.40 -20.81 -2.07
C MET A 21 2.12 -19.56 -1.54
N THR A 22 3.38 -19.44 -1.93
CA THR A 22 4.24 -18.28 -1.64
C THR A 22 4.03 -17.14 -2.63
N PRO A 23 3.95 -15.90 -2.12
CA PRO A 23 3.78 -14.81 -3.09
C PRO A 23 5.02 -14.59 -3.94
N ASP A 24 4.81 -14.21 -5.21
CA ASP A 24 5.87 -13.74 -6.09
C ASP A 24 6.26 -12.25 -5.92
N PHE A 25 5.35 -11.46 -5.37
CA PHE A 25 5.54 -10.01 -5.28
C PHE A 25 4.86 -9.48 -4.08
N LEU A 26 5.51 -8.54 -3.37
CA LEU A 26 4.89 -7.93 -2.19
C LEU A 26 4.77 -6.44 -2.40
N ALA A 27 3.55 -5.92 -2.28
CA ALA A 27 3.25 -4.51 -2.22
C ALA A 27 2.87 -4.23 -0.82
N ILE A 28 3.75 -3.55 -0.08
CA ILE A 28 3.50 -3.26 1.32
C ILE A 28 3.19 -1.74 1.45
N LYS A 29 2.02 -1.42 1.98
CA LYS A 29 1.62 -0.04 2.17
C LYS A 29 1.65 0.30 3.68
N VAL A 30 2.36 1.38 4.05
CA VAL A 30 2.47 1.79 5.47
C VAL A 30 1.65 3.07 5.72
N GLY A 31 0.61 2.96 6.52
CA GLY A 31 -0.34 4.06 6.74
C GLY A 31 0.31 5.26 7.43
N GLY A 32 -0.10 6.47 7.04
CA GLY A 32 0.43 7.70 7.68
C GLY A 32 0.15 7.74 9.17
N SER A 33 -0.95 7.15 9.65
CA SER A 33 -1.26 7.11 11.09
C SER A 33 -0.16 6.40 11.90
N LEU A 34 0.65 5.59 11.23
CA LEU A 34 1.65 4.80 11.92
C LEU A 34 2.96 5.54 12.13
N PHE A 35 3.18 6.63 11.42
CA PHE A 35 4.45 7.32 11.57
C PHE A 35 4.36 8.84 11.55
N SER A 36 3.16 9.38 11.64
CA SER A 36 3.00 10.83 11.64
C SER A 36 1.85 11.14 12.54
N ARG A 37 1.65 12.43 12.76
CA ARG A 37 0.42 12.91 13.43
C ARG A 37 -0.29 14.03 12.64
N LYS A 38 -1.56 13.78 12.25
CA LYS A 38 -2.45 14.81 11.60
C LYS A 38 -2.57 16.11 12.44
N ASP A 39 -2.61 16.00 13.78
CA ASP A 39 -2.44 17.16 14.69
C ASP A 39 -1.06 17.92 14.61
N GLU A 40 -0.17 17.54 13.69
CA GLU A 40 1.14 18.14 13.62
C GLU A 40 1.70 18.13 12.19
N PRO A 41 1.46 19.23 11.43
CA PRO A 41 1.87 19.30 10.01
C PRO A 41 3.35 18.87 9.76
N GLY A 42 3.54 17.85 8.90
CA GLY A 42 4.88 17.27 8.65
C GLY A 42 5.66 16.81 9.90
N SER A 43 4.97 16.47 10.99
CA SER A 43 5.61 15.70 12.05
C SER A 43 5.75 14.39 11.35
N LEU A 44 6.96 13.97 11.01
CA LEU A 44 7.19 12.53 10.95
C LEU A 44 7.79 12.07 12.27
N ASP A 45 7.41 10.88 12.67
CA ASP A 45 7.99 10.21 13.83
C ASP A 45 9.21 9.47 13.38
N ASP A 46 10.38 10.01 13.60
CA ASP A 46 11.61 9.40 13.06
C ASP A 46 11.90 8.01 13.66
N ASP A 47 11.57 7.80 14.95
CA ASP A 47 11.76 6.51 15.58
C ASP A 47 10.92 5.47 14.89
N ALA A 48 9.68 5.84 14.56
CA ALA A 48 8.76 4.88 13.95
C ALA A 48 9.31 4.53 12.56
N VAL A 49 9.74 5.53 11.82
CA VAL A 49 10.31 5.35 10.47
C VAL A 49 11.52 4.42 10.58
N THR A 50 12.39 4.73 11.52
CA THR A 50 13.61 3.93 11.75
C THR A 50 13.32 2.44 12.00
N ARG A 51 12.40 2.17 12.94
CA ARG A 51 12.06 0.80 13.26
C ARG A 51 11.32 0.03 12.18
N PHE A 52 10.29 0.64 11.54
CA PHE A 52 9.66 0.05 10.37
C PHE A 52 10.69 -0.23 9.32
N ALA A 53 11.54 0.75 9.04
CA ALA A 53 12.54 0.57 7.99
C ALA A 53 13.36 -0.71 8.18
N ARG A 54 13.70 -1.03 9.42
CA ARG A 54 14.52 -2.23 9.70
C ARG A 54 13.76 -3.49 9.31
N ASN A 55 12.46 -3.49 9.63
CA ASN A 55 11.62 -4.63 9.26
C ASN A 55 11.35 -4.67 7.77
N PHE A 56 11.22 -3.51 7.15
CA PHE A 56 10.97 -3.52 5.69
C PHE A 56 12.24 -3.99 4.95
N ALA A 57 13.41 -3.68 5.50
CA ALA A 57 14.70 -4.02 4.86
C ALA A 57 14.87 -5.52 4.74
N ARG A 58 14.47 -6.25 5.77
CA ARG A 58 14.50 -7.71 5.70
C ARG A 58 13.61 -8.29 4.65
N LEU A 59 12.39 -7.75 4.50
CA LEU A 59 11.54 -8.11 3.39
C LEU A 59 12.15 -7.82 2.05
N ALA A 60 12.77 -6.67 1.93
CA ALA A 60 13.29 -6.19 0.65
C ALA A 60 14.45 -7.06 0.17
N GLU A 61 15.21 -7.64 1.09
CA GLU A 61 16.34 -8.54 0.73
C GLU A 61 15.82 -9.85 0.11
N THR A 62 14.79 -10.38 0.72
CA THR A 62 14.12 -11.64 0.23
C THR A 62 13.42 -11.38 -1.07
N TYR A 63 12.63 -10.31 -1.10
N TYR A 63 12.65 -10.30 -1.13
CA TYR A 63 11.89 -9.87 -2.28
CA TYR A 63 11.86 -9.92 -2.30
C TYR A 63 12.68 -8.78 -3.00
C TYR A 63 12.61 -8.94 -3.22
N ARG A 64 13.94 -9.07 -3.30
CA ARG A 64 14.75 -8.17 -4.06
C ARG A 64 14.25 -8.09 -5.48
N GLY A 65 13.88 -6.92 -5.97
CA GLY A 65 13.25 -6.83 -7.31
C GLY A 65 11.81 -7.30 -7.41
N ARG A 66 11.21 -7.64 -6.27
CA ARG A 66 9.89 -8.24 -6.21
C ARG A 66 9.07 -7.62 -5.12
N MET A 67 9.36 -6.34 -4.81
CA MET A 67 8.66 -5.66 -3.75
C MET A 67 8.60 -4.15 -4.03
N VAL A 68 7.49 -3.53 -3.66
CA VAL A 68 7.42 -2.06 -3.52
C VAL A 68 7.00 -1.71 -2.11
N LEU A 69 7.46 -0.57 -1.65
CA LEU A 69 6.99 0.00 -0.39
C LEU A 69 6.19 1.25 -0.79
N ILE A 70 4.96 1.34 -0.26
CA ILE A 70 4.11 2.49 -0.52
C ILE A 70 3.87 3.22 0.76
N SER A 71 4.17 4.51 0.81
CA SER A 71 3.97 5.29 2.02
C SER A 71 2.68 6.09 1.93
N GLY A 72 1.92 6.04 3.00
CA GLY A 72 0.93 7.00 3.27
C GLY A 72 1.50 8.40 3.52
N GLY A 73 0.62 9.37 3.42
CA GLY A 73 1.04 10.80 2.85
C GLY A 73 1.32 11.47 4.13
N GLY A 74 0.85 10.76 5.14
CA GLY A 74 0.54 11.30 6.50
C GLY A 74 0.12 12.78 6.65
N ALA A 75 0.89 13.46 7.53
CA ALA A 75 0.77 14.92 7.81
C ALA A 75 1.10 15.77 6.54
N PHE A 76 2.12 15.36 5.76
CA PHE A 76 2.49 16.10 4.52
C PHE A 76 1.28 16.08 3.57
N GLY A 77 0.87 14.87 3.14
CA GLY A 77 -0.36 14.66 2.34
C GLY A 77 -1.60 15.49 2.75
N HIS A 78 -2.18 15.21 3.92
CA HIS A 78 -3.44 15.88 4.40
C HIS A 78 -3.46 17.42 4.33
N GLY A 79 -2.30 18.05 4.57
CA GLY A 79 -2.10 19.49 4.38
C GLY A 79 -2.00 19.93 2.91
N ALA A 80 -1.53 19.02 2.05
CA ALA A 80 -1.38 19.25 0.59
C ALA A 80 -2.70 19.21 -0.16
N ILE A 81 -3.71 18.63 0.52
CA ILE A 81 -5.13 18.53 0.08
C ILE A 81 -6.11 18.98 1.22
N ARG A 82 -5.80 20.10 1.91
CA ARG A 82 -6.56 20.53 3.10
C ARG A 82 -7.33 21.82 2.82
N HIS A 88 -8.77 27.63 -9.14
CA HIS A 88 -7.37 27.20 -8.90
C HIS A 88 -7.22 25.72 -8.50
N ALA A 89 -7.80 24.81 -9.31
CA ALA A 89 -7.67 23.35 -9.10
C ALA A 89 -6.26 22.76 -9.46
N PHE A 90 -5.43 23.60 -10.11
CA PHE A 90 -4.02 23.26 -10.20
C PHE A 90 -3.29 23.36 -8.86
N SER A 91 -3.96 23.89 -7.85
CA SER A 91 -3.36 23.99 -6.50
C SER A 91 -3.04 22.58 -5.95
N LEU A 92 -3.74 21.53 -6.44
CA LEU A 92 -3.43 20.14 -6.03
C LEU A 92 -1.99 19.75 -6.40
N ALA A 93 -1.35 20.44 -7.37
CA ALA A 93 0.03 20.11 -7.77
C ALA A 93 0.93 20.02 -6.54
N GLY A 94 0.65 20.83 -5.52
CA GLY A 94 1.38 20.78 -4.24
C GLY A 94 1.41 19.46 -3.57
N LEU A 95 0.38 18.66 -3.78
CA LEU A 95 0.39 17.28 -3.35
C LEU A 95 1.58 16.45 -3.84
N THR A 96 1.99 16.61 -5.09
CA THR A 96 3.06 15.79 -5.60
C THR A 96 4.34 16.12 -4.89
N GLU A 97 4.49 17.38 -4.47
CA GLU A 97 5.67 17.77 -3.74
C GLU A 97 5.63 17.24 -2.27
N ALA A 98 4.46 17.29 -1.65
CA ALA A 98 4.30 16.80 -0.25
C ALA A 98 4.52 15.29 -0.20
N THR A 99 4.00 14.51 -1.18
CA THR A 99 4.22 13.07 -1.15
C THR A 99 5.62 12.70 -1.57
N PHE A 100 6.28 13.56 -2.33
CA PHE A 100 7.67 13.25 -2.64
C PHE A 100 8.50 13.31 -1.37
N GLU A 101 8.22 14.29 -0.50
CA GLU A 101 8.94 14.38 0.74
C GLU A 101 8.84 13.09 1.58
N VAL A 102 7.65 12.52 1.72
CA VAL A 102 7.53 11.29 2.45
C VAL A 102 8.30 10.15 1.85
N LYS A 103 8.28 10.03 0.52
CA LYS A 103 9.08 9.01 -0.16
C LYS A 103 10.56 9.15 0.14
N LYS A 104 11.04 10.39 0.11
CA LYS A 104 12.41 10.75 0.38
C LYS A 104 12.77 10.33 1.79
N ARG A 105 11.86 10.53 2.72
CA ARG A 105 12.23 10.19 4.14
C ARG A 105 12.40 8.65 4.30
N TRP A 106 11.47 7.87 3.73
CA TRP A 106 11.62 6.40 3.73
C TRP A 106 12.90 5.98 3.01
N ALA A 107 13.10 6.45 1.78
CA ALA A 107 14.23 6.01 0.98
C ALA A 107 15.54 6.34 1.62
N GLU A 108 15.68 7.52 2.20
CA GLU A 108 16.89 7.87 2.88
C GLU A 108 17.22 6.96 4.05
N LYS A 109 16.22 6.68 4.86
CA LYS A 109 16.35 5.80 5.98
C LYS A 109 16.72 4.37 5.57
N LEU A 110 16.06 3.87 4.52
CA LEU A 110 16.39 2.54 4.01
C LEU A 110 17.80 2.44 3.47
N ARG A 111 18.21 3.40 2.67
CA ARG A 111 19.59 3.37 2.15
C ARG A 111 20.62 3.43 3.29
N GLY A 112 20.30 4.13 4.36
CA GLY A 112 21.17 4.18 5.51
C GLY A 112 21.41 2.81 6.15
N ILE A 113 20.51 1.84 5.94
CA ILE A 113 20.74 0.48 6.44
C ILE A 113 20.98 -0.55 5.34
N GLY A 114 21.41 -0.06 4.19
CA GLY A 114 21.94 -0.92 3.13
C GLY A 114 20.92 -1.38 2.07
N VAL A 115 19.69 -0.82 2.08
CA VAL A 115 18.71 -1.13 1.07
C VAL A 115 18.82 -0.17 -0.13
N ASP A 116 18.69 -0.70 -1.35
CA ASP A 116 18.75 0.12 -2.55
C ASP A 116 17.39 0.68 -2.85
N ALA A 117 16.98 1.60 -2.00
CA ALA A 117 15.71 2.26 -2.04
C ALA A 117 15.74 3.55 -2.88
N PHE A 118 14.86 3.60 -3.84
CA PHE A 118 14.71 4.73 -4.81
C PHE A 118 13.30 5.27 -4.88
N PRO A 119 13.10 6.54 -4.49
CA PRO A 119 11.73 7.13 -4.55
C PRO A 119 11.34 7.40 -6.00
N LEU A 120 10.10 7.08 -6.38
CA LEU A 120 9.59 7.40 -7.71
C LEU A 120 8.28 8.16 -7.57
N GLN A 121 8.24 9.26 -8.27
CA GLN A 121 7.05 10.13 -8.42
C GLN A 121 5.98 9.47 -9.26
N LEU A 122 4.95 8.99 -8.62
CA LEU A 122 3.87 8.35 -9.38
C LEU A 122 3.28 9.25 -10.43
N ALA A 123 3.21 10.56 -10.19
CA ALA A 123 2.64 11.50 -11.15
C ALA A 123 3.47 11.61 -12.44
N ALA A 124 4.75 11.23 -12.40
CA ALA A 124 5.61 11.20 -13.55
C ALA A 124 5.52 9.88 -14.36
N MET A 125 4.73 8.95 -13.83
CA MET A 125 4.65 7.62 -14.37
C MET A 125 3.25 7.15 -14.71
N CYS A 126 2.22 7.85 -14.25
CA CYS A 126 0.86 7.31 -14.24
C CYS A 126 -0.10 8.45 -14.46
N THR A 127 -1.09 8.21 -15.28
CA THR A 127 -2.17 9.16 -15.49
C THR A 127 -3.50 8.43 -15.30
N LEU A 128 -4.61 9.15 -15.22
CA LEU A 128 -5.96 8.56 -15.17
C LEU A 128 -6.67 8.64 -16.52
N ARG A 129 -7.31 7.55 -16.90
CA ARG A 129 -8.13 7.53 -18.09
C ARG A 129 -9.43 6.75 -17.73
N ASN A 130 -10.55 7.44 -17.90
CA ASN A 130 -11.86 6.98 -17.46
C ASN A 130 -11.82 6.56 -16.00
N GLY A 131 -11.09 7.31 -15.16
CA GLY A 131 -10.95 6.99 -13.75
C GLY A 131 -10.03 5.84 -13.34
N ILE A 132 -9.40 5.17 -14.31
CA ILE A 132 -8.53 4.05 -14.05
C ILE A 132 -7.06 4.48 -14.21
N PRO A 133 -6.22 4.20 -13.22
CA PRO A 133 -4.84 4.60 -13.30
C PRO A 133 -4.12 3.84 -14.42
N GLN A 134 -3.24 4.50 -15.16
CA GLN A 134 -2.62 3.91 -16.34
C GLN A 134 -1.09 4.09 -16.13
N LEU A 135 -0.31 3.00 -16.08
CA LEU A 135 1.14 3.11 -15.87
C LEU A 135 1.65 3.45 -17.23
N ARG A 136 2.31 4.59 -17.34
CA ARG A 136 2.74 5.20 -18.59
C ARG A 136 4.27 5.26 -18.73
N SER A 137 4.99 4.83 -17.70
CA SER A 137 6.47 4.81 -17.69
C SER A 137 6.97 3.42 -17.48
N GLU A 138 7.97 3.04 -18.27
CA GLU A 138 8.62 1.72 -18.15
C GLU A 138 9.62 1.69 -17.02
N VAL A 139 9.89 2.84 -16.42
CA VAL A 139 10.95 2.94 -15.45
C VAL A 139 10.64 2.06 -14.22
N LEU A 140 9.40 1.98 -13.74
CA LEU A 140 9.11 1.19 -12.52
C LEU A 140 9.53 -0.29 -12.67
N ARG A 141 9.22 -0.90 -13.81
CA ARG A 141 9.57 -2.26 -14.08
C ARG A 141 11.07 -2.38 -14.20
N ASP A 142 11.73 -1.41 -14.81
CA ASP A 142 13.21 -1.47 -14.92
C ASP A 142 13.91 -1.41 -13.59
N VAL A 143 13.49 -0.50 -12.73
CA VAL A 143 14.02 -0.39 -11.35
C VAL A 143 13.86 -1.72 -10.58
N LEU A 144 12.71 -2.35 -10.68
CA LEU A 144 12.52 -3.65 -10.06
C LEU A 144 13.45 -4.69 -10.66
N ASP A 145 13.49 -4.77 -11.98
CA ASP A 145 14.42 -5.67 -12.64
C ASP A 145 15.86 -5.47 -12.26
N HIS A 146 16.28 -4.25 -11.91
CA HIS A 146 17.64 -4.01 -11.47
C HIS A 146 17.84 -4.43 -10.00
N GLY A 147 16.80 -4.89 -9.32
CA GLY A 147 16.93 -5.33 -7.94
C GLY A 147 16.77 -4.25 -6.88
N ALA A 148 16.30 -3.07 -7.29
CA ALA A 148 16.12 -1.93 -6.37
C ALA A 148 14.73 -2.00 -5.75
N LEU A 149 14.52 -1.27 -4.66
CA LEU A 149 13.25 -1.11 -3.97
C LEU A 149 12.60 0.24 -4.34
N PRO A 150 11.60 0.23 -5.23
CA PRO A 150 10.83 1.47 -5.42
C PRO A 150 10.12 1.91 -4.18
N VAL A 151 10.24 3.20 -3.83
CA VAL A 151 9.41 3.72 -2.75
C VAL A 151 8.39 4.63 -3.42
N LEU A 152 7.11 4.30 -3.25
CA LEU A 152 5.99 4.96 -3.89
C LEU A 152 5.10 5.60 -2.83
N ALA A 153 4.14 6.40 -3.28
CA ALA A 153 3.16 7.08 -2.42
C ALA A 153 1.98 7.52 -3.29
N GLY A 154 0.93 7.98 -2.60
CA GLY A 154 -0.14 8.70 -3.24
C GLY A 154 0.34 9.90 -4.00
N ASP A 155 -0.53 10.51 -4.80
CA ASP A 155 -0.02 11.63 -5.67
C ASP A 155 -1.19 12.42 -6.24
N ALA A 156 -0.85 13.54 -6.85
CA ALA A 156 -1.73 14.28 -7.77
C ALA A 156 -1.50 13.77 -9.18
N LEU A 157 -2.52 13.13 -9.76
CA LEU A 157 -2.46 12.58 -11.11
C LEU A 157 -3.30 13.41 -12.08
N PHE A 158 -2.79 13.58 -13.30
CA PHE A 158 -3.55 14.19 -14.39
C PHE A 158 -4.46 13.17 -15.03
N ASP A 159 -5.67 13.60 -15.36
CA ASP A 159 -6.55 12.78 -16.19
C ASP A 159 -6.42 13.15 -17.66
N GLU A 160 -7.27 12.53 -18.51
CA GLU A 160 -7.12 12.68 -19.93
C GLU A 160 -7.60 14.06 -20.37
N HIS A 161 -8.30 14.78 -19.51
CA HIS A 161 -8.71 16.16 -19.76
C HIS A 161 -7.78 17.23 -19.18
N GLY A 162 -6.71 16.81 -18.55
CA GLY A 162 -5.75 17.75 -17.92
C GLY A 162 -6.09 18.15 -16.49
N LYS A 163 -7.10 17.53 -15.89
CA LYS A 163 -7.47 17.85 -14.51
C LYS A 163 -6.70 17.03 -13.55
N LEU A 164 -6.21 17.67 -12.48
CA LEU A 164 -5.54 16.95 -11.41
C LEU A 164 -6.57 16.31 -10.44
N TRP A 165 -6.27 15.10 -9.98
CA TRP A 165 -7.01 14.40 -8.92
C TRP A 165 -6.07 13.82 -7.85
N ALA A 166 -6.48 13.90 -6.58
CA ALA A 166 -5.72 13.32 -5.50
C ALA A 166 -5.96 11.82 -5.60
N PHE A 167 -4.90 11.05 -5.76
CA PHE A 167 -4.92 9.61 -5.93
C PHE A 167 -4.27 9.05 -4.65
N SER A 168 -5.10 8.48 -3.79
CA SER A 168 -4.66 7.95 -2.52
C SER A 168 -3.54 6.90 -2.58
N SER A 169 -2.66 6.92 -1.58
CA SER A 169 -1.65 5.86 -1.38
C SER A 169 -2.34 4.47 -1.34
N ASP A 170 -3.54 4.41 -0.79
CA ASP A 170 -4.25 3.13 -0.69
C ASP A 170 -4.57 2.48 -2.02
N ARG A 171 -4.63 3.30 -3.11
CA ARG A 171 -4.95 2.82 -4.47
C ARG A 171 -3.73 2.51 -5.31
N VAL A 172 -2.54 2.90 -4.85
CA VAL A 172 -1.29 2.61 -5.57
C VAL A 172 -1.09 1.13 -5.97
N PRO A 173 -1.48 0.15 -5.14
CA PRO A 173 -1.37 -1.25 -5.55
C PRO A 173 -2.09 -1.56 -6.86
N GLU A 174 -3.15 -0.80 -7.20
CA GLU A 174 -3.94 -1.00 -8.46
C GLU A 174 -3.06 -0.79 -9.65
N VAL A 175 -2.10 0.12 -9.51
CA VAL A 175 -1.20 0.46 -10.61
C VAL A 175 -0.30 -0.75 -10.99
N LEU A 176 -0.03 -1.63 -10.02
CA LEU A 176 0.85 -2.78 -10.25
C LEU A 176 0.21 -3.94 -11.00
N LEU A 177 -1.14 -3.96 -11.04
CA LEU A 177 -1.89 -5.15 -11.52
C LEU A 177 -1.50 -5.62 -12.96
N PRO A 178 -1.41 -4.73 -13.92
CA PRO A 178 -1.04 -5.22 -15.23
C PRO A 178 0.44 -5.58 -15.35
N MET A 179 1.28 -5.10 -14.43
CA MET A 179 2.72 -5.23 -14.53
C MET A 179 3.26 -6.49 -13.86
N VAL A 180 2.63 -6.89 -12.75
CA VAL A 180 3.16 -7.96 -11.93
C VAL A 180 2.71 -9.32 -12.44
N GLU A 181 3.70 -10.14 -12.70
CA GLU A 181 3.50 -11.54 -13.07
C GLU A 181 3.53 -12.41 -11.80
N GLY A 182 2.58 -13.31 -11.79
CA GLY A 182 2.54 -14.31 -10.78
C GLY A 182 1.66 -13.78 -9.68
N ARG A 183 1.93 -14.23 -8.47
CA ARG A 183 1.07 -14.01 -7.36
C ARG A 183 1.51 -12.72 -6.61
N LEU A 184 0.66 -11.71 -6.66
CA LEU A 184 0.82 -10.46 -5.89
C LEU A 184 0.16 -10.54 -4.55
N ARG A 185 0.91 -10.19 -3.50
CA ARG A 185 0.34 -10.03 -2.17
C ARG A 185 0.42 -8.55 -1.85
N VAL A 186 -0.73 -8.01 -1.47
CA VAL A 186 -0.84 -6.62 -1.07
C VAL A 186 -1.19 -6.56 0.43
N VAL A 187 -0.39 -5.79 1.18
CA VAL A 187 -0.57 -5.69 2.59
C VAL A 187 -0.64 -4.21 2.95
N THR A 188 -1.78 -3.83 3.53
CA THR A 188 -2.03 -2.48 3.93
C THR A 188 -1.98 -2.44 5.45
N LEU A 189 -0.94 -1.81 5.97
CA LEU A 189 -0.67 -1.73 7.41
C LEU A 189 -1.30 -0.46 7.92
N THR A 190 -2.18 -0.59 8.94
CA THR A 190 -2.90 0.52 9.42
C THR A 190 -2.97 0.46 10.97
N ASP A 191 -3.86 1.22 11.54
CA ASP A 191 -3.89 1.35 12.99
C ASP A 191 -5.02 0.56 13.64
N VAL A 192 -5.54 -0.40 12.88
CA VAL A 192 -6.61 -1.31 13.33
C VAL A 192 -6.25 -2.70 12.81
N ASP A 193 -6.84 -3.74 13.40
CA ASP A 193 -6.46 -5.13 13.08
C ASP A 193 -7.07 -5.66 11.80
N GLY A 194 -7.91 -4.85 11.13
CA GLY A 194 -8.67 -5.27 9.97
C GLY A 194 -10.01 -4.52 9.97
N ILE A 195 -10.99 -5.06 9.25
CA ILE A 195 -12.31 -4.45 9.17
C ILE A 195 -13.11 -4.96 10.34
N VAL A 196 -13.52 -4.04 11.21
CA VAL A 196 -14.30 -4.46 12.37
C VAL A 196 -15.78 -4.34 12.10
N THR A 197 -16.48 -5.40 12.49
CA THR A 197 -17.91 -5.51 12.38
C THR A 197 -18.54 -5.38 13.77
N ASP A 198 -19.72 -4.73 13.78
CA ASP A 198 -20.55 -4.35 14.97
C ASP A 198 -19.88 -3.27 15.92
N GLY A 199 -19.61 -2.08 15.34
CA GLY A 199 -19.38 -0.81 16.11
C GLY A 199 -18.17 0.08 15.76
N ALA A 200 -18.36 1.42 15.79
CA ALA A 200 -17.24 2.42 15.81
C ALA A 200 -16.71 2.46 17.24
N GLY A 201 -15.52 1.86 17.44
CA GLY A 201 -15.17 1.27 18.76
C GLY A 201 -16.11 0.08 19.02
N GLY A 202 -15.88 -1.01 18.23
CA GLY A 202 -16.78 -2.20 18.13
C GLY A 202 -16.13 -3.58 17.97
N ASP A 203 -16.94 -4.56 17.56
CA ASP A 203 -16.99 -5.94 18.10
C ASP A 203 -16.01 -7.10 17.65
N THR A 204 -15.89 -7.45 16.37
CA THR A 204 -14.89 -8.45 15.94
C THR A 204 -14.34 -8.17 14.56
N ILE A 205 -13.17 -8.71 14.25
CA ILE A 205 -12.61 -8.55 12.93
C ILE A 205 -13.23 -9.55 11.96
N LEU A 206 -13.56 -9.06 10.78
CA LEU A 206 -13.98 -9.90 9.65
C LEU A 206 -12.73 -10.57 9.02
N PRO A 207 -12.56 -11.91 9.15
CA PRO A 207 -11.25 -12.46 8.79
C PRO A 207 -11.06 -12.64 7.29
N GLU A 208 -12.19 -12.87 6.62
CA GLU A 208 -12.22 -13.13 5.22
C GLU A 208 -13.29 -12.28 4.51
N VAL A 209 -12.92 -11.76 3.34
CA VAL A 209 -13.84 -11.03 2.48
C VAL A 209 -13.67 -11.60 1.10
N ASP A 210 -14.78 -12.03 0.50
CA ASP A 210 -14.76 -12.53 -0.92
C ASP A 210 -14.99 -11.32 -1.84
N ALA A 211 -13.96 -11.01 -2.64
CA ALA A 211 -13.96 -9.82 -3.44
C ALA A 211 -15.06 -9.87 -4.49
N ARG A 212 -15.57 -11.06 -4.79
CA ARG A 212 -16.63 -11.16 -5.75
C ARG A 212 -17.92 -10.61 -5.23
N SER A 213 -18.09 -10.65 -3.92
CA SER A 213 -19.33 -10.16 -3.34
C SER A 213 -19.07 -9.67 -1.91
N PRO A 214 -18.41 -8.50 -1.77
CA PRO A 214 -17.92 -7.96 -0.48
C PRO A 214 -18.90 -7.10 0.28
N GLU A 215 -20.20 -7.33 0.07
CA GLU A 215 -21.23 -6.40 0.53
C GLU A 215 -21.22 -6.35 2.06
N GLN A 216 -20.87 -7.46 2.71
CA GLN A 216 -20.82 -7.45 4.17
C GLN A 216 -19.68 -6.61 4.75
N ALA A 217 -18.56 -6.51 4.06
CA ALA A 217 -17.50 -5.68 4.53
C ALA A 217 -17.84 -4.19 4.38
N TYR A 218 -18.50 -3.82 3.28
CA TYR A 218 -18.95 -2.43 3.11
C TYR A 218 -19.99 -2.09 4.14
N ALA A 219 -20.91 -3.01 4.43
CA ALA A 219 -21.86 -2.81 5.50
C ALA A 219 -21.22 -2.54 6.93
N ALA A 220 -20.07 -3.14 7.21
CA ALA A 220 -19.34 -2.94 8.48
C ALA A 220 -18.74 -1.54 8.58
N LEU A 221 -18.34 -0.95 7.47
CA LEU A 221 -17.85 0.36 7.55
C LEU A 221 -18.98 1.33 7.84
N TRP A 222 -20.20 1.05 7.38
CA TRP A 222 -21.34 1.95 7.67
C TRP A 222 -21.65 1.85 9.18
N GLY A 223 -21.61 0.65 9.75
CA GLY A 223 -21.77 0.40 11.21
C GLY A 223 -20.95 1.33 12.11
N SER A 224 -19.70 1.58 11.75
CA SER A 224 -18.84 2.64 12.37
C SER A 224 -18.65 3.89 11.45
N GLY A 231 -14.07 5.23 5.43
CA GLY A 231 -13.88 6.37 4.48
C GLY A 231 -12.50 6.35 3.81
N ALA A 232 -11.50 6.61 4.67
CA ALA A 232 -10.13 6.05 4.62
C ALA A 232 -10.25 4.54 4.45
N MET A 233 -11.01 3.91 5.32
CA MET A 233 -11.13 2.44 5.22
C MET A 233 -11.92 2.05 3.95
N HIS A 234 -12.89 2.89 3.57
CA HIS A 234 -13.65 2.67 2.30
C HIS A 234 -12.74 2.67 1.06
N THR A 235 -11.81 3.61 1.00
CA THR A 235 -10.78 3.65 -0.10
C THR A 235 -9.91 2.41 -0.09
N LYS A 236 -9.53 1.96 1.11
CA LYS A 236 -8.75 0.71 1.24
C LYS A 236 -9.48 -0.49 0.71
N LEU A 237 -10.74 -0.65 1.09
CA LEU A 237 -11.55 -1.77 0.66
C LEU A 237 -11.74 -1.75 -0.85
N ASP A 238 -12.10 -0.59 -1.41
CA ASP A 238 -12.30 -0.44 -2.83
C ASP A 238 -11.01 -0.88 -3.57
N ALA A 239 -9.86 -0.39 -3.12
CA ALA A 239 -8.61 -0.73 -3.83
C ALA A 239 -8.27 -2.21 -3.73
N LEU A 240 -8.43 -2.81 -2.56
CA LEU A 240 -8.02 -4.17 -2.34
C LEU A 240 -9.03 -5.14 -2.98
N VAL A 241 -10.31 -4.78 -3.01
CA VAL A 241 -11.26 -5.58 -3.82
C VAL A 241 -10.90 -5.56 -5.27
N THR A 242 -10.55 -4.38 -5.78
CA THR A 242 -10.11 -4.22 -7.21
C THR A 242 -8.91 -5.15 -7.52
N CYS A 243 -7.90 -5.09 -6.67
CA CYS A 243 -6.70 -5.92 -6.77
C CYS A 243 -7.01 -7.44 -6.66
N ALA A 244 -7.80 -7.88 -5.66
CA ALA A 244 -8.24 -9.26 -5.47
C ALA A 244 -9.03 -9.81 -6.65
N ARG A 245 -9.85 -8.95 -7.29
CA ARG A 245 -10.60 -9.38 -8.47
C ARG A 245 -9.67 -9.64 -9.63
N ARG A 246 -8.46 -9.08 -9.65
CA ARG A 246 -7.42 -9.48 -10.59
C ARG A 246 -6.32 -10.42 -10.04
N GLY A 247 -6.67 -11.21 -9.03
CA GLY A 247 -5.86 -12.30 -8.55
C GLY A 247 -5.06 -12.09 -7.28
N ALA A 248 -4.93 -10.87 -6.82
CA ALA A 248 -4.05 -10.54 -5.72
C ALA A 248 -4.63 -11.09 -4.45
N GLU A 249 -3.73 -11.35 -3.51
CA GLU A 249 -4.12 -11.75 -2.17
C GLU A 249 -3.90 -10.54 -1.29
N CYS A 250 -4.96 -9.99 -0.68
CA CYS A 250 -4.85 -8.67 -0.02
C CYS A 250 -5.18 -8.72 1.45
N PHE A 251 -4.54 -7.87 2.23
CA PHE A 251 -4.70 -7.87 3.67
C PHE A 251 -4.78 -6.45 4.18
N ILE A 252 -5.68 -6.28 5.16
CA ILE A 252 -5.67 -5.12 5.98
C ILE A 252 -5.35 -5.64 7.37
N MET A 253 -4.32 -5.09 7.97
CA MET A 253 -3.86 -5.49 9.29
C MET A 253 -3.13 -4.39 10.04
N ARG A 254 -2.84 -4.61 11.31
CA ARG A 254 -2.28 -3.56 12.15
C ARG A 254 -0.77 -3.46 11.96
N GLY A 255 -0.25 -2.25 11.76
CA GLY A 255 1.18 -2.03 11.71
C GLY A 255 1.68 -1.63 13.07
N ASP A 256 2.95 -1.96 13.34
CA ASP A 256 3.62 -1.59 14.63
C ASP A 256 5.09 -1.51 14.31
N PRO A 257 5.70 -0.35 14.57
CA PRO A 257 7.07 -0.15 14.07
C PRO A 257 8.07 -1.27 14.38
N GLY A 258 7.94 -1.90 15.53
CA GLY A 258 8.89 -2.91 15.91
C GLY A 258 8.49 -4.33 15.57
N SER A 259 7.35 -4.55 14.94
CA SER A 259 6.93 -5.93 14.70
C SER A 259 7.72 -6.59 13.62
N ASP A 260 8.07 -7.84 13.86
CA ASP A 260 8.71 -8.66 12.82
C ASP A 260 7.68 -8.92 11.70
N LEU A 261 8.13 -8.84 10.46
CA LEU A 261 7.22 -8.98 9.34
C LEU A 261 7.57 -10.17 8.43
N GLU A 262 8.44 -11.04 8.90
CA GLU A 262 8.99 -12.07 8.07
C GLU A 262 7.95 -13.01 7.58
N PHE A 263 6.90 -13.19 8.37
CA PHE A 263 5.78 -14.02 7.99
C PHE A 263 5.09 -13.52 6.69
N LEU A 264 5.27 -12.27 6.29
CA LEU A 264 4.64 -11.77 5.02
C LEU A 264 5.30 -12.38 3.78
N THR A 265 6.38 -13.13 3.99
CA THR A 265 7.06 -13.86 2.91
C THR A 265 6.45 -15.26 2.70
N ALA A 266 5.63 -15.71 3.67
CA ALA A 266 5.25 -17.07 3.81
C ALA A 266 3.82 -17.31 3.29
N PRO A 267 3.52 -18.56 2.92
CA PRO A 267 2.16 -18.86 2.53
C PRO A 267 1.26 -18.56 3.70
N PHE A 268 0.08 -18.02 3.42
CA PHE A 268 -0.89 -17.64 4.45
C PHE A 268 -1.20 -18.76 5.41
N SER A 269 -1.35 -19.99 4.90
CA SER A 269 -1.68 -21.10 5.79
C SER A 269 -0.57 -21.42 6.79
N SER A 270 0.65 -20.89 6.57
CA SER A 270 1.77 -21.06 7.47
C SER A 270 2.03 -19.85 8.41
N TRP A 271 1.15 -18.84 8.44
CA TRP A 271 1.36 -17.67 9.29
C TRP A 271 1.20 -18.05 10.76
N PRO A 272 1.88 -17.33 11.65
CA PRO A 272 1.73 -17.59 13.09
C PRO A 272 0.33 -17.34 13.53
N ALA A 273 -0.04 -18.03 14.59
CA ALA A 273 -1.41 -18.01 15.06
C ALA A 273 -1.83 -16.67 15.67
N HIS A 274 -0.89 -15.87 16.14
CA HIS A 274 -1.23 -14.59 16.78
C HIS A 274 -1.65 -13.50 15.79
N VAL A 275 -1.32 -13.66 14.49
CA VAL A 275 -1.58 -12.65 13.47
C VAL A 275 -3.11 -12.50 13.20
N ARG A 276 -3.62 -11.28 13.37
CA ARG A 276 -4.99 -10.92 12.99
C ARG A 276 -5.00 -10.04 11.71
N SER A 277 -5.95 -10.31 10.83
CA SER A 277 -6.08 -9.52 9.63
C SER A 277 -7.45 -9.72 9.02
N THR A 278 -7.79 -8.83 8.06
CA THR A 278 -8.82 -9.05 7.10
C THR A 278 -8.16 -9.39 5.78
N ARG A 279 -8.51 -10.60 5.30
CA ARG A 279 -7.96 -11.09 4.04
C ARG A 279 -8.99 -11.02 2.97
N ILE A 280 -8.60 -10.41 1.85
CA ILE A 280 -9.48 -10.14 0.72
C ILE A 280 -8.96 -10.90 -0.50
N THR A 281 -9.77 -11.82 -0.99
CA THR A 281 -9.43 -12.67 -2.11
C THR A 281 -10.71 -13.04 -2.92
N THR A 282 -10.52 -13.53 -4.16
CA THR A 282 -11.61 -14.13 -4.93
C THR A 282 -11.50 -15.61 -4.80
PB ADP B . -3.97 4.92 7.63
O1B ADP B . -4.25 5.01 6.10
O2B ADP B . -3.25 3.79 8.31
O3B ADP B . -3.43 6.17 8.23
PA ADP B . -6.91 5.46 8.04
O1A ADP B . -7.04 6.45 9.22
O2A ADP B . -7.12 6.00 6.62
O3A ADP B . -5.47 4.67 8.20
O5' ADP B . -7.98 4.18 8.08
C5' ADP B . -7.96 3.42 9.27
C4' ADP B . -9.02 4.00 10.19
O4' ADP B . -10.28 3.69 9.59
C3' ADP B . -9.09 3.42 11.59
O3' ADP B . -8.24 4.10 12.54
C2' ADP B . -10.55 3.59 11.96
O2' ADP B . -10.56 4.62 12.94
C1' ADP B . -11.26 3.83 10.63
N9 ADP B . -12.42 2.88 10.41
C8 ADP B . -13.66 3.23 10.05
N7 ADP B . -14.49 2.16 9.95
C5 ADP B . -13.78 1.06 10.25
C6 ADP B . -14.05 -0.39 10.35
N6 ADP B . -15.28 -0.89 10.09
N1 ADP B . -13.02 -1.23 10.67
C2 ADP B . -11.78 -0.73 10.94
N3 ADP B . -11.50 0.60 10.87
C4 ADP B . -12.42 1.53 10.54
#